data_7C5D
#
_entry.id   7C5D
#
_cell.length_a   60.737
_cell.length_b   74.941
_cell.length_c   98.418
_cell.angle_alpha   90.000
_cell.angle_beta   90.000
_cell.angle_gamma   90.000
#
_symmetry.space_group_name_H-M   'P 21 21 21'
#
loop_
_entity.id
_entity.type
_entity.pdbx_description
1 polymer 'Telomeric repeat-binding factor 2'
2 polymer Microcephalin
3 non-polymer GLYCEROL
4 water water
#
loop_
_entity_poly.entity_id
_entity_poly.type
_entity_poly.pdbx_seq_one_letter_code
_entity_poly.pdbx_strand_id
1 'polypeptide(L)'
;GAGEARLEEAVNRWVLKFYFHEALRAFRGSRYGDFRQIRDIMQALLVRPLGKEHTVSRLLRVMQCLSRIEEGENLDCSFD
MEAELTPLESAINVLEMIKTEFTLTEAVVESSRKLVKEAAVIICIKNKEFEKASKILKKHMSKDPTTQKLRNDLLNIIRE
KNLAHPVIQNFSYETFQQKMLRFLESHLDDAEPYLLTMAKKALK
;
A,B
2 'polypeptide(L)' SQETFEEKYRLSPTLSSTKGH C,D
#
# COMPACT_ATOMS: atom_id res chain seq x y z
N ARG A 6 19.74 23.26 17.05
CA ARG A 6 19.32 23.43 15.66
C ARG A 6 19.85 22.29 14.78
N LEU A 7 21.13 21.97 14.96
CA LEU A 7 21.71 20.84 14.22
C LEU A 7 21.18 19.51 14.74
N GLU A 8 21.05 19.36 16.06
CA GLU A 8 20.61 18.09 16.62
C GLU A 8 19.19 17.76 16.18
N GLU A 9 18.32 18.76 16.13
CA GLU A 9 16.96 18.54 15.66
C GLU A 9 16.94 17.94 14.27
N ALA A 10 17.75 18.50 13.36
CA ALA A 10 17.77 18.00 11.99
C ALA A 10 18.20 16.55 11.95
N VAL A 11 19.33 16.22 12.56
CA VAL A 11 19.78 14.83 12.59
C VAL A 11 18.73 13.95 13.27
N ASN A 12 18.19 14.41 14.39
CA ASN A 12 17.17 13.62 15.08
C ASN A 12 16.03 13.26 14.16
N ARG A 13 15.53 14.24 13.40
CA ARG A 13 14.46 13.94 12.45
C ARG A 13 14.94 12.97 11.37
N TRP A 14 16.14 13.19 10.85
CA TRP A 14 16.70 12.22 9.91
C TRP A 14 16.68 10.82 10.52
N VAL A 15 17.10 10.71 11.78
CA VAL A 15 17.20 9.40 12.41
C VAL A 15 15.82 8.79 12.60
N LEU A 16 14.88 9.57 13.12
CA LEU A 16 13.51 9.08 13.28
C LEU A 16 12.95 8.61 11.94
N LYS A 17 13.10 9.43 10.90
CA LYS A 17 12.52 9.08 9.60
C LYS A 17 13.16 7.83 9.04
N PHE A 18 14.47 7.68 9.19
CA PHE A 18 15.11 6.47 8.69
C PHE A 18 14.57 5.24 9.40
N TYR A 19 14.49 5.31 10.74
CA TYR A 19 14.02 4.13 11.47
C TYR A 19 12.53 3.88 11.26
N PHE A 20 11.76 4.93 11.01
CA PHE A 20 10.37 4.72 10.59
C PHE A 20 10.33 3.93 9.30
N HIS A 21 11.17 4.29 8.35
CA HIS A 21 11.22 3.57 7.07
C HIS A 21 11.55 2.10 7.28
N GLU A 22 12.55 1.81 8.13
CA GLU A 22 12.94 0.42 8.37
C GLU A 22 11.87 -0.35 9.15
N ALA A 23 11.12 0.33 10.04
CA ALA A 23 10.03 -0.34 10.74
C ALA A 23 8.94 -0.78 9.77
N LEU A 24 8.50 0.13 8.89
CA LEU A 24 7.54 -0.25 7.86
C LEU A 24 8.05 -1.42 7.03
N ARG A 25 9.28 -1.30 6.54
CA ARG A 25 9.87 -2.38 5.76
C ARG A 25 9.81 -3.70 6.52
N ALA A 26 10.11 -3.67 7.83
CA ALA A 26 10.07 -4.89 8.62
C ALA A 26 8.63 -5.38 8.79
N PHE A 27 7.71 -4.48 9.14
CA PHE A 27 6.30 -4.85 9.25
C PHE A 27 5.80 -5.43 7.93
N ARG A 28 6.11 -4.76 6.82
CA ARG A 28 5.64 -5.22 5.52
C ARG A 28 6.19 -6.61 5.18
N GLY A 29 7.41 -6.91 5.61
CA GLY A 29 7.97 -8.24 5.44
C GLY A 29 7.61 -9.25 6.51
N SER A 30 6.68 -8.93 7.41
CA SER A 30 6.27 -9.83 8.49
C SER A 30 7.40 -10.12 9.47
N ARG A 31 8.36 -9.19 9.60
CA ARG A 31 9.48 -9.35 10.52
C ARG A 31 9.20 -8.54 11.78
N TYR A 32 8.32 -9.09 12.61
CA TYR A 32 7.79 -8.33 13.73
C TYR A 32 8.79 -8.20 14.87
N GLY A 33 9.65 -9.22 15.06
CA GLY A 33 10.72 -9.07 16.02
C GLY A 33 11.59 -7.87 15.71
N ASP A 34 11.98 -7.72 14.45
CA ASP A 34 12.73 -6.53 14.06
C ASP A 34 11.90 -5.27 14.24
N PHE A 35 10.61 -5.32 13.86
CA PHE A 35 9.75 -4.14 14.03
C PHE A 35 9.82 -3.62 15.46
N ARG A 36 9.66 -4.51 16.44
CA ARG A 36 9.64 -4.09 17.84
C ARG A 36 10.98 -3.51 18.27
N GLN A 37 12.10 -4.13 17.86
CA GLN A 37 13.39 -3.56 18.20
C GLN A 37 13.55 -2.15 17.63
N ILE A 38 13.11 -1.93 16.40
CA ILE A 38 13.21 -0.60 15.81
C ILE A 38 12.25 0.35 16.49
N ARG A 39 11.05 -0.13 16.80
CA ARG A 39 10.10 0.67 17.57
C ARG A 39 10.72 1.20 18.86
N ASP A 40 11.45 0.34 19.58
CA ASP A 40 12.05 0.77 20.85
C ASP A 40 13.10 1.84 20.63
N ILE A 41 13.80 1.79 19.50
CA ILE A 41 14.73 2.87 19.19
C ILE A 41 13.97 4.16 18.96
N MET A 42 12.87 4.11 18.21
CA MET A 42 12.09 5.31 17.96
C MET A 42 11.52 5.87 19.25
N GLN A 43 11.03 4.98 20.13
CA GLN A 43 10.53 5.41 21.43
C GLN A 43 11.58 6.23 22.18
N ALA A 44 12.81 5.74 22.23
CA ALA A 44 13.87 6.46 22.92
C ALA A 44 14.17 7.80 22.27
N LEU A 45 13.91 7.93 20.97
CA LEU A 45 14.16 9.21 20.29
C LEU A 45 13.13 10.28 20.66
N LEU A 46 11.94 9.88 21.11
CA LEU A 46 10.83 10.82 21.29
C LEU A 46 11.12 11.86 22.36
N VAL A 47 12.10 11.64 23.24
CA VAL A 47 12.41 12.62 24.27
C VAL A 47 13.41 13.67 23.81
N ARG A 48 13.94 13.52 22.61
CA ARG A 48 14.90 14.48 22.10
C ARG A 48 14.21 15.51 21.22
N PRO A 49 14.81 16.69 21.06
CA PRO A 49 14.17 17.72 20.23
C PRO A 49 14.09 17.27 18.78
N LEU A 50 12.90 17.35 18.21
CA LEU A 50 12.63 16.91 16.85
C LEU A 50 12.16 18.03 15.93
N GLY A 51 12.11 19.27 16.41
CA GLY A 51 11.62 20.37 15.60
C GLY A 51 10.14 20.61 15.82
N LYS A 52 9.54 21.30 14.84
CA LYS A 52 8.11 21.58 14.90
C LYS A 52 7.33 20.28 14.87
N GLU A 53 6.33 20.17 15.74
CA GLU A 53 5.59 18.93 15.87
C GLU A 53 4.94 18.51 14.56
N HIS A 54 4.61 19.46 13.69
CA HIS A 54 3.95 19.10 12.44
C HIS A 54 4.88 18.38 11.47
N THR A 55 6.20 18.53 11.62
CA THR A 55 7.13 17.87 10.72
C THR A 55 7.17 16.36 10.92
N VAL A 56 6.73 15.86 12.08
CA VAL A 56 6.83 14.44 12.39
C VAL A 56 5.50 13.84 12.86
N SER A 57 4.46 14.64 13.00
CA SER A 57 3.21 14.15 13.59
C SER A 57 2.65 12.97 12.81
N ARG A 58 2.63 13.08 11.48
CA ARG A 58 1.98 12.08 10.64
C ARG A 58 2.66 10.72 10.77
N LEU A 59 3.98 10.67 10.56
CA LEU A 59 4.65 9.38 10.65
C LEU A 59 4.47 8.79 12.03
N LEU A 60 4.47 9.63 13.07
CA LEU A 60 4.35 9.12 14.44
C LEU A 60 2.97 8.51 14.69
N ARG A 61 1.91 9.14 14.18
CA ARG A 61 0.59 8.55 14.34
C ARG A 61 0.52 7.19 13.65
N VAL A 62 1.08 7.08 12.44
CA VAL A 62 1.06 5.81 11.73
C VAL A 62 1.85 4.76 12.51
N MET A 63 3.01 5.16 13.04
CA MET A 63 3.82 4.23 13.84
C MET A 63 3.10 3.83 15.13
N GLN A 64 2.38 4.76 15.75
CA GLN A 64 1.61 4.40 16.93
C GLN A 64 0.58 3.34 16.61
N CYS A 65 -0.15 3.52 15.51
CA CYS A 65 -1.21 2.58 15.17
C CYS A 65 -0.63 1.22 14.88
N LEU A 66 0.46 1.18 14.09
CA LEU A 66 1.12 -0.08 13.78
C LEU A 66 1.65 -0.76 15.05
N SER A 67 2.22 0.03 15.98
CA SER A 67 2.78 -0.58 17.18
C SER A 67 1.69 -1.26 18.01
N ARG A 68 0.51 -0.65 18.08
CA ARG A 68 -0.59 -1.25 18.83
C ARG A 68 -1.14 -2.47 18.10
N ILE A 69 -1.21 -2.42 16.77
CA ILE A 69 -1.65 -3.58 16.01
C ILE A 69 -0.64 -4.72 16.14
N GLU A 70 0.66 -4.39 16.12
CA GLU A 70 1.66 -5.47 16.18
C GLU A 70 1.62 -6.19 17.53
N GLU A 71 1.19 -5.51 18.58
CA GLU A 71 0.99 -6.13 19.89
C GLU A 71 -0.43 -6.61 20.10
N GLY A 72 -1.25 -6.62 19.04
CA GLY A 72 -2.68 -6.81 19.21
C GLY A 72 -3.08 -8.13 19.84
N GLU A 73 -2.26 -9.17 19.65
CA GLU A 73 -2.60 -10.47 20.21
C GLU A 73 -2.13 -10.64 21.66
N ASN A 74 -1.31 -9.71 22.17
CA ASN A 74 -0.83 -9.78 23.55
C ASN A 74 -1.78 -8.98 24.43
N LEU A 75 -2.76 -9.67 25.01
CA LEU A 75 -3.66 -9.01 25.95
C LEU A 75 -2.99 -8.74 27.29
N ASP A 76 -1.80 -9.29 27.55
CA ASP A 76 -1.02 -8.95 28.75
C ASP A 76 -0.15 -7.73 28.55
N CYS A 77 -0.66 -6.81 27.73
CA CYS A 77 0.16 -5.65 27.31
C CYS A 77 -0.76 -4.44 27.22
N SER A 78 -0.30 -3.28 27.65
CA SER A 78 -1.17 -2.09 27.61
C SER A 78 -0.41 -0.83 27.17
N PHE A 79 -1.07 -0.03 26.37
CA PHE A 79 -0.53 1.28 25.95
C PHE A 79 -1.32 2.37 26.69
N ASP A 80 -2.46 2.00 27.30
CA ASP A 80 -3.34 2.94 28.03
C ASP A 80 -3.95 2.26 29.26
N MET A 81 -3.32 2.42 30.44
CA MET A 81 -3.76 1.97 31.81
C MET A 81 -4.89 0.93 31.79
N LEU A 85 -7.50 -0.90 28.71
CA LEU A 85 -7.63 -0.90 27.24
C LEU A 85 -6.69 -1.95 26.63
N THR A 86 -7.22 -2.84 25.80
CA THR A 86 -6.38 -3.82 25.08
C THR A 86 -5.67 -3.11 23.93
N PRO A 87 -4.53 -3.62 23.44
CA PRO A 87 -3.80 -2.98 22.36
C PRO A 87 -4.64 -2.61 21.14
N LEU A 88 -5.60 -3.44 20.75
CA LEU A 88 -6.39 -3.11 19.57
C LEU A 88 -7.42 -2.03 19.87
N GLU A 89 -7.85 -1.89 21.11
CA GLU A 89 -8.66 -0.73 21.47
C GLU A 89 -7.84 0.55 21.37
N SER A 90 -6.59 0.52 21.87
CA SER A 90 -5.72 1.68 21.69
C SER A 90 -5.57 2.04 20.22
N ALA A 91 -5.36 1.03 19.36
CA ALA A 91 -5.23 1.30 17.93
C ALA A 91 -6.47 1.98 17.37
N ILE A 92 -7.64 1.66 17.91
CA ILE A 92 -8.87 2.33 17.48
C ILE A 92 -8.80 3.81 17.80
N ASN A 93 -8.36 4.14 19.02
CA ASN A 93 -8.20 5.55 19.38
C ASN A 93 -7.24 6.25 18.43
N VAL A 94 -6.11 5.62 18.10
CA VAL A 94 -5.14 6.25 17.21
C VAL A 94 -5.72 6.43 15.81
N LEU A 95 -6.53 5.45 15.37
CA LEU A 95 -7.21 5.58 14.07
C LEU A 95 -8.11 6.81 14.04
N GLU A 96 -8.85 7.06 15.13
CA GLU A 96 -9.65 8.29 15.19
C GLU A 96 -8.77 9.52 15.06
N MET A 97 -7.66 9.54 15.81
CA MET A 97 -6.75 10.68 15.74
C MET A 97 -6.23 10.87 14.32
N ILE A 98 -5.91 9.76 13.63
CA ILE A 98 -5.44 9.86 12.25
C ILE A 98 -6.53 10.44 11.35
N LYS A 99 -7.78 9.99 11.54
CA LYS A 99 -8.88 10.51 10.75
C LYS A 99 -8.97 12.03 10.88
N THR A 100 -8.87 12.54 12.10
CA THR A 100 -9.00 13.97 12.33
C THR A 100 -7.78 14.72 11.85
N GLU A 101 -6.59 14.29 12.27
CA GLU A 101 -5.38 15.05 11.96
C GLU A 101 -4.98 14.93 10.49
N PHE A 102 -5.30 13.81 9.84
CA PHE A 102 -5.02 13.64 8.43
C PHE A 102 -6.12 14.23 7.55
N THR A 103 -7.15 14.81 8.15
CA THR A 103 -8.27 15.41 7.40
C THR A 103 -8.92 14.39 6.45
N LEU A 104 -9.32 13.25 7.01
CA LEU A 104 -9.94 12.18 6.25
C LEU A 104 -11.45 12.18 6.52
N THR A 105 -12.21 11.64 5.57
CA THR A 105 -13.64 11.47 5.77
C THR A 105 -13.90 10.23 6.62
N GLU A 106 -15.09 10.19 7.22
CA GLU A 106 -15.50 8.98 7.93
C GLU A 106 -15.51 7.79 6.99
N ALA A 107 -15.98 7.98 5.76
CA ALA A 107 -16.07 6.87 4.83
C ALA A 107 -14.70 6.29 4.49
N VAL A 108 -13.67 7.14 4.41
CA VAL A 108 -12.35 6.66 4.03
C VAL A 108 -11.77 5.73 5.09
N VAL A 109 -12.07 5.97 6.36
CA VAL A 109 -11.50 5.14 7.42
C VAL A 109 -12.47 4.06 7.90
N GLU A 110 -13.68 4.00 7.34
CA GLU A 110 -14.71 3.11 7.85
C GLU A 110 -14.25 1.65 7.80
N SER A 111 -13.82 1.19 6.63
CA SER A 111 -13.50 -0.22 6.52
C SER A 111 -12.34 -0.60 7.43
N SER A 112 -11.41 0.34 7.65
CA SER A 112 -10.30 0.06 8.56
C SER A 112 -10.77 0.03 10.01
N ARG A 113 -11.66 0.94 10.37
CA ARG A 113 -12.23 0.95 11.73
C ARG A 113 -12.90 -0.40 11.96
N LYS A 114 -13.61 -0.89 10.94
CA LYS A 114 -14.32 -2.18 11.03
C LYS A 114 -13.33 -3.35 11.25
N LEU A 115 -12.21 -3.34 10.56
CA LEU A 115 -11.25 -4.44 10.70
C LEU A 115 -10.70 -4.48 12.13
N VAL A 116 -10.29 -3.33 12.64
CA VAL A 116 -9.66 -3.25 13.99
C VAL A 116 -10.66 -3.66 15.06
N LYS A 117 -11.91 -3.19 14.97
CA LYS A 117 -12.93 -3.54 16.00
C LYS A 117 -13.21 -5.05 15.96
N GLU A 118 -13.36 -5.61 14.77
CA GLU A 118 -13.64 -7.05 14.66
C GLU A 118 -12.44 -7.82 15.20
N ALA A 119 -11.23 -7.38 14.88
CA ALA A 119 -10.00 -8.04 15.36
C ALA A 119 -9.94 -7.96 16.89
N ALA A 120 -10.34 -6.81 17.46
CA ALA A 120 -10.27 -6.64 18.92
C ALA A 120 -11.14 -7.68 19.62
N VAL A 121 -12.36 -7.90 19.11
CA VAL A 121 -13.28 -8.91 19.71
C VAL A 121 -12.79 -10.34 19.49
N ILE A 122 -12.36 -10.63 18.26
CA ILE A 122 -11.95 -12.00 17.88
C ILE A 122 -10.72 -12.45 18.65
N ILE A 123 -9.76 -11.56 18.86
CA ILE A 123 -8.54 -11.93 19.64
C ILE A 123 -8.97 -12.29 21.07
N CYS A 124 -9.88 -11.51 21.66
CA CYS A 124 -10.33 -11.81 23.03
C CYS A 124 -10.99 -13.18 23.03
N ILE A 125 -11.82 -13.46 22.04
CA ILE A 125 -12.54 -14.76 21.93
C ILE A 125 -11.52 -15.89 21.76
N LYS A 126 -10.49 -15.70 20.95
CA LYS A 126 -9.46 -16.72 20.69
C LYS A 126 -8.71 -17.09 21.98
N ASN A 127 -8.50 -16.12 22.87
CA ASN A 127 -7.81 -16.30 24.17
C ASN A 127 -8.82 -16.70 25.26
N LYS A 128 -10.08 -16.86 24.89
CA LYS A 128 -11.19 -17.28 25.78
C LYS A 128 -11.52 -16.21 26.82
N GLU A 129 -11.18 -14.95 26.55
CA GLU A 129 -11.50 -13.80 27.40
C GLU A 129 -12.87 -13.30 26.93
N PHE A 130 -13.91 -14.06 27.22
CA PHE A 130 -15.30 -13.81 26.79
C PHE A 130 -15.83 -12.53 27.41
N GLU A 131 -15.52 -12.27 28.69
CA GLU A 131 -16.02 -11.03 29.32
C GLU A 131 -15.39 -9.81 28.65
N LYS A 132 -14.09 -9.85 28.38
CA LYS A 132 -13.40 -8.73 27.71
C LYS A 132 -13.99 -8.58 26.31
N ALA A 133 -14.24 -9.69 25.62
CA ALA A 133 -14.79 -9.64 24.25
C ALA A 133 -16.16 -8.96 24.30
N SER A 134 -16.97 -9.32 25.29
CA SER A 134 -18.32 -8.74 25.44
C SER A 134 -18.24 -7.24 25.70
N LYS A 135 -17.34 -6.82 26.58
CA LYS A 135 -17.22 -5.39 26.94
C LYS A 135 -16.73 -4.60 25.72
N ILE A 136 -15.79 -5.17 24.99
CA ILE A 136 -15.27 -4.48 23.77
C ILE A 136 -16.40 -4.38 22.73
N LEU A 137 -17.17 -5.43 22.55
CA LEU A 137 -18.24 -5.45 21.56
C LEU A 137 -19.28 -4.38 21.92
N LYS A 138 -19.60 -4.25 23.20
CA LYS A 138 -20.55 -3.21 23.66
C LYS A 138 -19.96 -1.80 23.56
N LYS A 139 -18.70 -1.61 23.90
CA LYS A 139 -18.11 -0.25 23.88
C LYS A 139 -17.91 0.32 22.46
N HIS A 140 -17.35 -0.48 21.55
CA HIS A 140 -16.94 0.03 20.22
C HIS A 140 -17.89 -0.35 19.09
N MET A 141 -18.72 -1.35 19.31
CA MET A 141 -19.60 -1.76 18.20
C MET A 141 -21.08 -1.45 18.45
N SER A 142 -21.44 -0.89 19.60
CA SER A 142 -22.86 -0.53 19.87
C SER A 142 -23.35 0.64 19.01
N LYS A 143 -22.53 1.68 18.88
CA LYS A 143 -22.86 2.94 18.16
C LYS A 143 -21.96 3.01 16.94
N ASP A 144 -21.77 1.82 16.36
CA ASP A 144 -21.03 1.36 15.15
C ASP A 144 -19.99 0.32 15.55
N THR A 146 -20.61 -3.55 13.41
CA THR A 146 -21.49 -2.54 12.73
C THR A 146 -22.90 -3.08 12.53
N THR A 147 -23.11 -4.11 11.74
CA THR A 147 -24.52 -4.56 11.57
C THR A 147 -25.01 -5.37 12.75
N GLN A 148 -26.31 -5.34 12.98
CA GLN A 148 -26.92 -6.05 14.12
C GLN A 148 -26.68 -7.56 14.00
N LYS A 149 -26.76 -8.11 12.79
CA LYS A 149 -26.55 -9.58 12.64
C LYS A 149 -25.14 -9.96 13.08
N LEU A 150 -24.12 -9.18 12.71
CA LEU A 150 -22.74 -9.51 13.13
C LEU A 150 -22.61 -9.38 14.65
N ARG A 151 -23.20 -8.33 15.22
CA ARG A 151 -23.18 -8.13 16.69
C ARG A 151 -23.77 -9.38 17.34
N ASN A 152 -24.93 -9.80 16.83
CA ASN A 152 -25.69 -10.95 17.34
C ASN A 152 -24.85 -12.21 17.16
N ASP A 153 -24.21 -12.34 16.01
CA ASP A 153 -23.36 -13.53 15.76
C ASP A 153 -22.21 -13.54 16.80
N LEU A 154 -21.53 -12.42 16.98
CA LEU A 154 -20.40 -12.39 17.91
C LEU A 154 -20.87 -12.60 19.35
N LEU A 155 -21.99 -11.99 19.72
CA LEU A 155 -22.57 -12.23 21.04
C LEU A 155 -22.79 -13.72 21.27
N ASN A 156 -23.43 -14.39 20.30
CA ASN A 156 -23.76 -15.80 20.49
C ASN A 156 -22.51 -16.66 20.50
N ILE A 157 -21.52 -16.32 19.67
CA ILE A 157 -20.22 -16.99 19.75
C ILE A 157 -19.67 -16.89 21.16
N ILE A 158 -19.84 -15.73 21.80
CA ILE A 158 -19.32 -15.54 23.15
C ILE A 158 -20.13 -16.35 24.16
N ARG A 159 -21.45 -16.27 24.08
CA ARG A 159 -22.30 -16.99 25.02
C ARG A 159 -22.04 -18.49 24.95
N GLU A 160 -21.82 -19.02 23.76
CA GLU A 160 -21.58 -20.43 23.57
C GLU A 160 -20.09 -20.79 23.61
N LYS A 161 -19.21 -19.80 23.71
CA LYS A 161 -17.77 -20.05 23.71
C LYS A 161 -17.39 -20.90 22.51
N ASN A 162 -17.93 -20.52 21.35
CA ASN A 162 -17.86 -21.34 20.13
C ASN A 162 -16.71 -20.85 19.27
N LEU A 163 -15.49 -21.27 19.62
CA LEU A 163 -14.35 -20.89 18.79
C LEU A 163 -14.38 -21.57 17.43
N ALA A 164 -15.20 -22.61 17.26
CA ALA A 164 -15.30 -23.28 15.97
C ALA A 164 -16.12 -22.50 14.95
N HIS A 165 -16.77 -21.43 15.35
CA HIS A 165 -17.58 -20.66 14.42
C HIS A 165 -16.71 -20.14 13.27
N PRO A 166 -17.23 -20.14 12.05
CA PRO A 166 -16.40 -19.69 10.91
C PRO A 166 -15.85 -18.28 11.04
N VAL A 167 -16.58 -17.37 11.68
CA VAL A 167 -16.05 -16.03 11.88
C VAL A 167 -14.74 -16.09 12.66
N ILE A 168 -14.65 -16.99 13.64
CA ILE A 168 -13.40 -17.13 14.39
C ILE A 168 -12.37 -17.90 13.58
N GLN A 169 -12.76 -19.06 13.04
CA GLN A 169 -11.83 -19.97 12.39
C GLN A 169 -11.10 -19.32 11.25
N ASN A 170 -11.82 -18.57 10.40
CA ASN A 170 -11.26 -17.99 9.19
C ASN A 170 -10.51 -16.69 9.45
N PHE A 171 -10.56 -16.14 10.65
CA PHE A 171 -9.87 -14.88 10.92
C PHE A 171 -8.36 -15.09 10.85
N SER A 172 -7.66 -14.24 10.10
CA SER A 172 -6.21 -14.31 9.98
C SER A 172 -5.60 -13.00 10.46
N TYR A 173 -4.78 -13.09 11.51
CA TYR A 173 -4.17 -11.87 12.03
C TYR A 173 -3.13 -11.31 11.08
N GLU A 174 -2.40 -12.18 10.37
CA GLU A 174 -1.45 -11.69 9.38
C GLU A 174 -2.15 -10.85 8.32
N THR A 175 -3.21 -11.39 7.73
CA THR A 175 -3.98 -10.65 6.73
C THR A 175 -4.51 -9.34 7.30
N PHE A 176 -5.05 -9.39 8.51
CA PHE A 176 -5.55 -8.19 9.16
C PHE A 176 -4.48 -7.11 9.26
N GLN A 177 -3.30 -7.45 9.78
CA GLN A 177 -2.32 -6.38 10.01
C GLN A 177 -1.64 -5.93 8.71
N GLN A 178 -1.58 -6.81 7.71
CA GLN A 178 -1.01 -6.38 6.41
C GLN A 178 -2.00 -5.41 5.74
N LYS A 179 -3.29 -5.67 5.87
CA LYS A 179 -4.32 -4.76 5.33
C LYS A 179 -4.21 -3.42 6.04
N MET A 180 -4.01 -3.43 7.35
CA MET A 180 -3.89 -2.20 8.14
C MET A 180 -2.67 -1.41 7.71
N LEU A 181 -1.54 -2.08 7.47
CA LEU A 181 -0.34 -1.38 6.98
C LEU A 181 -0.63 -0.76 5.62
N ARG A 182 -1.34 -1.49 4.76
CA ARG A 182 -1.67 -1.01 3.40
C ARG A 182 -2.47 0.29 3.50
N PHE A 183 -3.49 0.33 4.35
CA PHE A 183 -4.27 1.58 4.51
C PHE A 183 -3.41 2.70 5.10
N LEU A 184 -2.66 2.43 6.15
CA LEU A 184 -1.90 3.50 6.86
C LEU A 184 -0.84 4.12 5.95
N GLU A 185 -0.17 3.29 5.18
CA GLU A 185 0.90 3.70 4.26
C GLU A 185 0.38 4.64 3.19
N SER A 186 -0.83 4.40 2.71
CA SER A 186 -1.43 5.20 1.63
C SER A 186 -1.51 6.68 1.97
N HIS A 187 -1.35 7.05 3.24
CA HIS A 187 -1.45 8.45 3.63
C HIS A 187 -0.09 9.10 3.87
N LEU A 188 1.00 8.41 3.55
CA LEU A 188 2.34 8.90 3.82
C LEU A 188 3.00 9.41 2.54
N ASP A 189 3.82 10.43 2.66
CA ASP A 189 4.59 10.91 1.52
C ASP A 189 5.63 9.86 1.13
N ASP A 190 6.17 10.03 -0.07
CA ASP A 190 6.98 8.97 -0.69
C ASP A 190 8.48 9.16 -0.52
N ALA A 191 8.91 10.28 0.06
CA ALA A 191 10.33 10.60 0.08
C ALA A 191 11.13 9.49 0.76
N GLU A 192 12.18 9.04 0.08
CA GLU A 192 13.11 8.10 0.69
C GLU A 192 13.91 8.82 1.78
N PRO A 193 14.16 8.16 2.92
CA PRO A 193 14.84 8.86 4.02
C PRO A 193 16.23 9.30 3.60
N TYR A 194 16.58 10.52 3.99
CA TYR A 194 17.89 11.07 3.63
C TYR A 194 19.02 10.12 4.05
N LEU A 195 18.92 9.51 5.23
CA LEU A 195 20.00 8.63 5.69
C LEU A 195 20.15 7.43 4.78
N LEU A 196 19.03 6.83 4.35
CA LEU A 196 19.10 5.68 3.45
C LEU A 196 19.74 6.07 2.12
N THR A 197 19.36 7.22 1.57
CA THR A 197 19.99 7.69 0.34
C THR A 197 21.50 7.78 0.51
N MET A 198 21.95 8.46 1.56
CA MET A 198 23.39 8.65 1.76
C MET A 198 24.09 7.31 1.99
N ALA A 199 23.40 6.34 2.59
CA ALA A 199 24.02 5.04 2.79
C ALA A 199 24.24 4.33 1.46
N LYS A 200 23.25 4.41 0.55
CA LYS A 200 23.43 3.83 -0.77
C LYS A 200 24.61 4.48 -1.50
N LYS A 201 24.71 5.81 -1.44
CA LYS A 201 25.82 6.48 -2.10
C LYS A 201 27.16 6.12 -1.45
N ALA A 202 27.16 5.83 -0.15
CA ALA A 202 28.41 5.52 0.54
C ALA A 202 28.90 4.11 0.26
N LEU A 203 27.99 3.13 0.25
CA LEU A 203 28.39 1.75 -0.01
C LEU A 203 28.70 1.51 -1.49
N GLY B 1 -20.63 -28.72 -28.21
CA GLY B 1 -20.08 -27.48 -28.68
C GLY B 1 -20.19 -26.36 -27.65
N ALA B 2 -21.43 -25.93 -27.37
CA ALA B 2 -21.63 -24.83 -26.44
C ALA B 2 -21.10 -25.16 -25.06
N GLY B 3 -21.37 -26.37 -24.57
CA GLY B 3 -20.91 -26.75 -23.25
C GLY B 3 -19.40 -26.66 -23.12
N GLU B 4 -18.68 -27.28 -24.06
CA GLU B 4 -17.22 -27.25 -24.01
C GLU B 4 -16.69 -25.82 -24.12
N ALA B 5 -17.32 -25.00 -24.97
CA ALA B 5 -16.90 -23.61 -25.08
C ALA B 5 -16.96 -22.92 -23.72
N ARG B 6 -18.06 -23.10 -23.00
CA ARG B 6 -18.20 -22.44 -21.71
C ARG B 6 -17.20 -22.98 -20.69
N LEU B 7 -16.84 -24.26 -20.78
CA LEU B 7 -15.81 -24.79 -19.90
C LEU B 7 -14.47 -24.10 -20.16
N GLU B 8 -14.13 -23.86 -21.43
CA GLU B 8 -12.87 -23.19 -21.75
C GLU B 8 -12.85 -21.78 -21.19
N GLU B 9 -13.96 -21.05 -21.31
CA GLU B 9 -14.03 -19.70 -20.73
C GLU B 9 -13.72 -19.73 -19.25
N ALA B 10 -14.39 -20.62 -18.51
CA ALA B 10 -14.18 -20.69 -17.08
C ALA B 10 -12.72 -20.94 -16.75
N VAL B 11 -12.10 -21.90 -17.44
CA VAL B 11 -10.68 -22.18 -17.21
C VAL B 11 -9.83 -20.98 -17.58
N ASN B 12 -10.14 -20.34 -18.71
CA ASN B 12 -9.39 -19.16 -19.11
C ASN B 12 -9.37 -18.11 -18.01
N ARG B 13 -10.51 -17.91 -17.34
CA ARG B 13 -10.58 -16.94 -16.25
C ARG B 13 -9.74 -17.39 -15.06
N TRP B 14 -9.84 -18.67 -14.68
CA TRP B 14 -8.94 -19.17 -13.65
C TRP B 14 -7.49 -18.97 -14.04
N VAL B 15 -7.16 -19.20 -15.30
CA VAL B 15 -5.78 -19.08 -15.76
C VAL B 15 -5.33 -17.63 -15.67
N LEU B 16 -6.13 -16.72 -16.23
CA LEU B 16 -5.82 -15.30 -16.16
C LEU B 16 -5.56 -14.87 -14.72
N LYS B 17 -6.45 -15.29 -13.82
CA LYS B 17 -6.38 -14.87 -12.42
C LYS B 17 -5.20 -15.51 -11.69
N PHE B 18 -4.87 -16.76 -12.02
CA PHE B 18 -3.66 -17.34 -11.45
C PHE B 18 -2.42 -16.57 -11.89
N TYR B 19 -2.22 -16.39 -13.20
CA TYR B 19 -1.00 -15.73 -13.64
C TYR B 19 -0.98 -14.26 -13.22
N PHE B 20 -2.15 -13.61 -13.13
CA PHE B 20 -2.16 -12.28 -12.53
C PHE B 20 -1.57 -12.33 -11.13
N HIS B 21 -2.04 -13.26 -10.31
CA HIS B 21 -1.51 -13.43 -8.96
C HIS B 21 0.00 -13.67 -9.00
N GLU B 22 0.46 -14.57 -9.89
CA GLU B 22 1.88 -14.87 -9.96
C GLU B 22 2.68 -13.69 -10.52
N ALA B 23 2.08 -12.93 -11.46
CA ALA B 23 2.75 -11.73 -11.93
C ALA B 23 2.98 -10.74 -10.79
N LEU B 24 1.97 -10.53 -9.95
CA LEU B 24 2.14 -9.63 -8.80
C LEU B 24 3.25 -10.13 -7.89
N ARG B 25 3.21 -11.43 -7.57
CA ARG B 25 4.23 -12.01 -6.70
C ARG B 25 5.63 -11.77 -7.26
N ALA B 26 5.81 -12.00 -8.57
CA ALA B 26 7.12 -11.77 -9.18
C ALA B 26 7.51 -10.30 -9.08
N PHE B 27 6.59 -9.41 -9.44
CA PHE B 27 6.85 -7.97 -9.34
C PHE B 27 7.25 -7.59 -7.93
N ARG B 28 6.47 -8.05 -6.94
CA ARG B 28 6.76 -7.74 -5.55
C ARG B 28 8.17 -8.18 -5.16
N GLY B 29 8.63 -9.29 -5.72
CA GLY B 29 9.96 -9.78 -5.41
C GLY B 29 11.06 -9.25 -6.31
N SER B 30 10.75 -8.27 -7.15
CA SER B 30 11.73 -7.72 -8.08
C SER B 30 12.22 -8.76 -9.07
N ARG B 31 11.39 -9.76 -9.35
CA ARG B 31 11.69 -10.77 -10.37
C ARG B 31 11.00 -10.35 -11.69
N TYR B 32 11.55 -9.29 -12.28
CA TYR B 32 10.88 -8.67 -13.42
C TYR B 32 10.99 -9.51 -14.68
N GLY B 33 12.06 -10.31 -14.81
CA GLY B 33 12.08 -11.28 -15.89
C GLY B 33 10.92 -12.26 -15.79
N ASP B 34 10.65 -12.75 -14.59
CA ASP B 34 9.48 -13.60 -14.39
C ASP B 34 8.20 -12.85 -14.69
N PHE B 35 8.11 -11.59 -14.25
CA PHE B 35 6.91 -10.80 -14.52
C PHE B 35 6.65 -10.73 -16.02
N ARG B 36 7.68 -10.43 -16.81
CA ARG B 36 7.48 -10.23 -18.23
C ARG B 36 7.05 -11.52 -18.92
N GLN B 37 7.62 -12.67 -18.53
CA GLN B 37 7.20 -13.94 -19.14
C GLN B 37 5.73 -14.22 -18.87
N ILE B 38 5.29 -13.96 -17.63
CA ILE B 38 3.89 -14.16 -17.27
C ILE B 38 3.02 -13.14 -17.98
N ARG B 39 3.48 -11.89 -18.06
CA ARG B 39 2.78 -10.88 -18.84
C ARG B 39 2.48 -11.40 -20.24
N ASP B 40 3.47 -12.04 -20.88
CA ASP B 40 3.30 -12.50 -22.26
C ASP B 40 2.30 -13.64 -22.35
N ILE B 41 2.23 -14.51 -21.33
CA ILE B 41 1.19 -15.53 -21.31
C ILE B 41 -0.18 -14.87 -21.25
N MET B 42 -0.36 -13.93 -20.32
CA MET B 42 -1.63 -13.21 -20.21
C MET B 42 -1.97 -12.51 -21.53
N GLN B 43 -0.97 -11.96 -22.22
CA GLN B 43 -1.22 -11.31 -23.51
C GLN B 43 -1.79 -12.30 -24.51
N ALA B 44 -1.16 -13.47 -24.64
CA ALA B 44 -1.67 -14.48 -25.56
C ALA B 44 -3.08 -14.92 -25.19
N LEU B 45 -3.42 -14.87 -23.90
CA LEU B 45 -4.75 -15.26 -23.46
C LEU B 45 -5.83 -14.30 -23.95
N LEU B 46 -5.49 -13.04 -24.22
CA LEU B 46 -6.50 -12.02 -24.44
C LEU B 46 -7.37 -12.28 -25.66
N VAL B 47 -6.88 -13.06 -26.64
CA VAL B 47 -7.65 -13.28 -27.85
C VAL B 47 -8.72 -14.34 -27.68
N ARG B 48 -8.75 -15.04 -26.53
CA ARG B 48 -9.67 -16.13 -26.26
C ARG B 48 -10.81 -15.64 -25.37
N PRO B 49 -11.96 -16.31 -25.42
CA PRO B 49 -13.09 -15.86 -24.59
C PRO B 49 -12.74 -15.88 -23.12
N LEU B 50 -13.10 -14.80 -22.42
CA LEU B 50 -12.78 -14.66 -21.01
C LEU B 50 -14.00 -14.36 -20.15
N GLY B 51 -15.21 -14.41 -20.71
CA GLY B 51 -16.38 -13.98 -19.97
C GLY B 51 -16.69 -12.52 -20.24
N LYS B 52 -17.64 -11.99 -19.47
CA LYS B 52 -18.02 -10.60 -19.65
C LYS B 52 -16.86 -9.68 -19.32
N GLU B 53 -16.69 -8.64 -20.13
CA GLU B 53 -15.55 -7.74 -19.95
C GLU B 53 -15.46 -7.23 -18.51
N HIS B 54 -16.60 -6.87 -17.92
CA HIS B 54 -16.56 -6.23 -16.61
C HIS B 54 -16.02 -7.16 -15.53
N THR B 55 -16.01 -8.47 -15.77
CA THR B 55 -15.50 -9.38 -14.75
C THR B 55 -13.99 -9.46 -14.75
N VAL B 56 -13.30 -8.88 -15.73
CA VAL B 56 -11.85 -8.97 -15.80
C VAL B 56 -11.20 -7.62 -16.11
N SER B 57 -11.96 -6.54 -16.30
CA SER B 57 -11.33 -5.30 -16.73
C SER B 57 -10.42 -4.70 -15.66
N ARG B 58 -10.78 -4.85 -14.38
CA ARG B 58 -9.98 -4.25 -13.32
C ARG B 58 -8.62 -4.93 -13.22
N LEU B 59 -8.63 -6.27 -13.14
CA LEU B 59 -7.40 -7.04 -13.21
C LEU B 59 -6.52 -6.59 -14.36
N LEU B 60 -7.11 -6.49 -15.56
CA LEU B 60 -6.34 -6.15 -16.75
C LEU B 60 -5.83 -4.71 -16.72
N ARG B 61 -6.62 -3.78 -16.18
CA ARG B 61 -6.12 -2.40 -16.03
C ARG B 61 -4.91 -2.36 -15.11
N VAL B 62 -5.01 -3.01 -13.95
CA VAL B 62 -3.86 -3.06 -13.05
C VAL B 62 -2.65 -3.66 -13.75
N MET B 63 -2.86 -4.79 -14.43
CA MET B 63 -1.74 -5.43 -15.12
C MET B 63 -1.19 -4.53 -16.23
N GLN B 64 -2.08 -3.84 -16.97
CA GLN B 64 -1.62 -2.89 -17.98
C GLN B 64 -0.71 -1.84 -17.37
N CYS B 65 -1.04 -1.35 -16.18
CA CYS B 65 -0.26 -0.30 -15.56
C CYS B 65 1.10 -0.82 -15.09
N LEU B 66 1.10 -2.00 -14.46
CA LEU B 66 2.37 -2.59 -14.02
C LEU B 66 3.27 -2.89 -15.22
N SER B 67 2.68 -3.34 -16.32
CA SER B 67 3.48 -3.73 -17.49
C SER B 67 4.20 -2.52 -18.10
N ARG B 68 3.53 -1.38 -18.16
CA ARG B 68 4.18 -0.18 -18.66
C ARG B 68 5.20 0.35 -17.66
N ILE B 69 4.90 0.24 -16.37
CA ILE B 69 5.87 0.62 -15.35
C ILE B 69 7.11 -0.28 -15.40
N GLU B 70 6.92 -1.59 -15.59
CA GLU B 70 8.08 -2.48 -15.59
C GLU B 70 9.04 -2.14 -16.72
N GLU B 71 8.52 -1.71 -17.88
CA GLU B 71 9.32 -1.33 -19.04
C GLU B 71 9.71 0.14 -19.02
N GLY B 72 9.40 0.86 -17.95
CA GLY B 72 9.48 2.30 -17.97
C GLY B 72 10.87 2.85 -18.27
N GLU B 73 11.91 2.10 -17.91
CA GLU B 73 13.27 2.56 -18.17
C GLU B 73 13.69 2.35 -19.61
N ASN B 74 12.89 1.66 -20.42
CA ASN B 74 13.19 1.44 -21.85
C ASN B 74 12.42 2.49 -22.65
N LEU B 75 13.09 3.61 -22.93
CA LEU B 75 12.41 4.72 -23.60
C LEU B 75 11.96 4.33 -25.00
N ASP B 76 12.70 3.46 -25.69
CA ASP B 76 12.35 3.07 -27.04
C ASP B 76 11.21 2.05 -27.08
N CYS B 77 10.81 1.51 -25.94
CA CYS B 77 9.73 0.49 -25.85
C CYS B 77 8.39 1.17 -26.09
N SER B 78 7.49 0.57 -26.86
CA SER B 78 6.21 1.26 -27.14
C SER B 78 5.00 0.36 -26.87
N PHE B 79 3.99 0.92 -26.21
CA PHE B 79 2.70 0.23 -25.92
C PHE B 79 1.57 0.87 -26.74
N ASP B 80 1.86 1.92 -27.50
CA ASP B 80 0.80 2.59 -28.28
C ASP B 80 1.16 2.53 -29.77
N MET B 81 0.29 1.93 -30.59
CA MET B 81 0.60 1.73 -32.03
C MET B 81 0.77 3.05 -32.76
N GLU B 82 -0.14 4.00 -32.56
CA GLU B 82 -0.01 5.26 -33.33
C GLU B 82 0.76 6.33 -32.55
N ALA B 83 0.37 6.59 -31.31
CA ALA B 83 1.01 7.68 -30.55
C ALA B 83 2.46 7.31 -30.20
N GLU B 84 3.36 8.29 -30.16
CA GLU B 84 4.73 7.97 -29.76
C GLU B 84 4.86 8.30 -28.28
N LEU B 85 4.64 7.31 -27.44
CA LEU B 85 4.66 7.55 -26.00
C LEU B 85 5.72 6.67 -25.37
N THR B 86 6.41 7.21 -24.38
CA THR B 86 7.32 6.41 -23.53
C THR B 86 6.41 5.55 -22.66
N PRO B 87 6.87 4.39 -22.16
CA PRO B 87 6.01 3.51 -21.38
C PRO B 87 5.40 4.18 -20.15
N LEU B 88 6.12 5.05 -19.47
CA LEU B 88 5.56 5.77 -18.28
C LEU B 88 4.46 6.75 -18.71
N GLU B 89 4.58 7.32 -19.91
CA GLU B 89 3.50 8.18 -20.46
C GLU B 89 2.26 7.30 -20.63
N SER B 90 2.45 6.09 -21.15
CA SER B 90 1.37 5.09 -21.27
C SER B 90 0.84 4.76 -19.87
N ALA B 91 1.74 4.59 -18.89
CA ALA B 91 1.27 4.30 -17.53
C ALA B 91 0.37 5.42 -17.01
N ILE B 92 0.74 6.68 -17.26
CA ILE B 92 -0.11 7.79 -16.87
C ILE B 92 -1.53 7.61 -17.44
N ASN B 93 -1.62 7.32 -18.73
CA ASN B 93 -2.95 7.13 -19.34
C ASN B 93 -3.72 6.00 -18.69
N VAL B 94 -3.04 4.89 -18.35
CA VAL B 94 -3.75 3.78 -17.70
C VAL B 94 -4.22 4.19 -16.32
N LEU B 95 -3.38 4.92 -15.57
CA LEU B 95 -3.79 5.39 -14.24
C LEU B 95 -5.05 6.25 -14.34
N GLU B 96 -5.12 7.15 -15.33
CA GLU B 96 -6.33 7.93 -15.50
C GLU B 96 -7.53 7.02 -15.78
N MET B 97 -7.33 6.01 -16.62
CA MET B 97 -8.41 5.04 -16.96
C MET B 97 -8.84 4.34 -15.67
N ILE B 98 -7.89 3.96 -14.84
CA ILE B 98 -8.21 3.30 -13.55
C ILE B 98 -9.01 4.26 -12.66
N LYS B 99 -8.60 5.52 -12.60
CA LYS B 99 -9.31 6.47 -11.71
C LYS B 99 -10.78 6.57 -12.11
N THR B 100 -11.09 6.77 -13.39
CA THR B 100 -12.50 6.90 -13.84
C THR B 100 -13.23 5.55 -13.76
N GLU B 101 -12.61 4.48 -14.22
CA GLU B 101 -13.25 3.13 -14.24
C GLU B 101 -13.48 2.58 -12.83
N PHE B 102 -12.54 2.79 -11.92
CA PHE B 102 -12.70 2.28 -10.53
C PHE B 102 -13.44 3.31 -9.66
N THR B 103 -13.87 4.42 -10.24
CA THR B 103 -14.58 5.51 -9.50
C THR B 103 -13.75 5.95 -8.30
N LEU B 104 -12.47 6.20 -8.51
CA LEU B 104 -11.59 6.67 -7.42
C LEU B 104 -11.64 8.19 -7.29
N THR B 105 -11.43 8.66 -6.07
CA THR B 105 -11.39 10.11 -5.75
C THR B 105 -10.03 10.66 -6.18
N GLU B 106 -9.93 11.98 -6.31
CA GLU B 106 -8.64 12.60 -6.66
C GLU B 106 -7.64 12.32 -5.53
N ALA B 107 -8.09 12.39 -4.29
CA ALA B 107 -7.22 12.19 -3.11
C ALA B 107 -6.61 10.80 -3.15
N VAL B 108 -7.37 9.79 -3.52
CA VAL B 108 -6.85 8.41 -3.58
C VAL B 108 -5.75 8.29 -4.64
N VAL B 109 -5.90 8.95 -5.79
CA VAL B 109 -4.90 8.79 -6.88
C VAL B 109 -3.82 9.86 -6.88
N GLU B 110 -3.89 10.88 -6.04
CA GLU B 110 -2.97 12.03 -6.19
C GLU B 110 -1.51 11.65 -6.03
N SER B 111 -1.16 10.90 -5.01
CA SER B 111 0.26 10.54 -4.82
C SER B 111 0.78 9.65 -5.95
N SER B 112 -0.02 8.69 -6.40
CA SER B 112 0.37 7.75 -7.48
C SER B 112 0.61 8.49 -8.79
N ARG B 113 -0.27 9.43 -9.10
CA ARG B 113 -0.13 10.21 -10.35
C ARG B 113 1.17 11.01 -10.30
N LYS B 114 1.48 11.59 -9.15
CA LYS B 114 2.72 12.37 -8.99
C LYS B 114 3.93 11.47 -9.19
N LEU B 115 3.93 10.27 -8.60
CA LEU B 115 5.12 9.38 -8.70
C LEU B 115 5.37 9.00 -10.16
N VAL B 116 4.32 8.63 -10.88
CA VAL B 116 4.51 8.20 -12.29
C VAL B 116 4.98 9.40 -13.12
N LYS B 117 4.41 10.58 -12.90
CA LYS B 117 4.81 11.78 -13.67
C LYS B 117 6.27 12.09 -13.34
N GLU B 118 6.61 12.16 -12.06
CA GLU B 118 8.00 12.36 -11.66
C GLU B 118 8.91 11.33 -12.33
N ALA B 119 8.54 10.04 -12.23
CA ALA B 119 9.37 9.00 -12.86
C ALA B 119 9.49 9.22 -14.36
N ALA B 120 8.37 9.53 -15.02
CA ALA B 120 8.40 9.73 -16.46
C ALA B 120 9.40 10.81 -16.86
N VAL B 121 9.42 11.92 -16.11
CA VAL B 121 10.32 13.02 -16.45
C VAL B 121 11.76 12.66 -16.12
N ILE B 122 12.00 12.00 -14.98
CA ILE B 122 13.37 11.75 -14.53
C ILE B 122 14.07 10.74 -15.42
N ILE B 123 13.35 9.74 -15.92
CA ILE B 123 13.97 8.77 -16.81
C ILE B 123 14.43 9.45 -18.09
N CYS B 124 13.60 10.35 -18.64
CA CYS B 124 14.04 11.17 -19.77
C CYS B 124 15.31 11.94 -19.43
N ILE B 125 15.33 12.64 -18.31
CA ILE B 125 16.52 13.38 -17.91
C ILE B 125 17.73 12.45 -17.87
N LYS B 126 17.55 11.23 -17.33
CA LYS B 126 18.68 10.33 -17.17
C LYS B 126 19.18 9.82 -18.51
N ASN B 127 18.33 9.80 -19.52
CA ASN B 127 18.74 9.48 -20.88
C ASN B 127 19.06 10.74 -21.69
N LYS B 128 19.21 11.89 -21.03
CA LYS B 128 19.51 13.15 -21.71
C LYS B 128 18.51 13.45 -22.81
N GLU B 129 17.24 13.13 -22.55
CA GLU B 129 16.14 13.48 -23.43
C GLU B 129 15.40 14.70 -22.88
N PHE B 130 16.11 15.83 -22.90
CA PHE B 130 15.61 17.01 -22.19
C PHE B 130 14.39 17.61 -22.86
N GLU B 131 14.32 17.55 -24.19
CA GLU B 131 13.14 18.04 -24.88
C GLU B 131 11.90 17.26 -24.46
N LYS B 132 11.98 15.92 -24.50
CA LYS B 132 10.85 15.10 -24.07
C LYS B 132 10.56 15.31 -22.58
N ALA B 133 11.61 15.32 -21.76
CA ALA B 133 11.44 15.61 -20.34
C ALA B 133 10.65 16.89 -20.14
N SER B 134 11.08 17.97 -20.80
CA SER B 134 10.38 19.23 -20.65
C SER B 134 8.93 19.12 -21.14
N LYS B 135 8.71 18.41 -22.23
CA LYS B 135 7.35 18.28 -22.75
C LYS B 135 6.45 17.57 -21.76
N ILE B 136 6.85 16.37 -21.33
CA ILE B 136 6.06 15.62 -20.36
C ILE B 136 5.74 16.48 -19.15
N LEU B 137 6.75 17.19 -18.64
CA LEU B 137 6.59 18.00 -17.44
C LEU B 137 5.56 19.11 -17.65
N LYS B 138 5.71 19.87 -18.72
CA LYS B 138 4.74 20.94 -19.00
C LYS B 138 3.35 20.37 -19.18
N LYS B 139 3.24 19.19 -19.81
CA LYS B 139 1.94 18.63 -20.16
C LYS B 139 1.21 18.03 -18.96
N HIS B 140 1.92 17.49 -17.97
CA HIS B 140 1.29 16.71 -16.91
C HIS B 140 1.45 17.29 -15.50
N MET B 141 2.36 18.22 -15.27
CA MET B 141 2.47 18.83 -13.94
C MET B 141 1.84 20.22 -13.87
N PRO B 145 0.57 22.97 -7.80
CA PRO B 145 0.31 23.34 -6.41
C PRO B 145 0.73 22.23 -5.46
N THR B 146 0.16 21.04 -5.66
CA THR B 146 0.67 19.86 -4.97
C THR B 146 2.06 19.49 -5.49
N THR B 147 2.36 19.84 -6.74
CA THR B 147 3.61 19.46 -7.40
C THR B 147 4.43 20.68 -7.83
N GLN B 148 4.19 21.85 -7.24
CA GLN B 148 4.92 23.05 -7.66
C GLN B 148 6.41 22.95 -7.35
N LYS B 149 6.75 22.60 -6.11
CA LYS B 149 8.15 22.56 -5.71
C LYS B 149 8.94 21.56 -6.53
N LEU B 150 8.45 20.32 -6.63
CA LEU B 150 9.13 19.33 -7.46
C LEU B 150 9.19 19.78 -8.90
N ARG B 151 8.15 20.47 -9.37
CA ARG B 151 8.12 20.94 -10.76
C ARG B 151 9.21 21.97 -11.01
N ASN B 152 9.39 22.91 -10.09
CA ASN B 152 10.44 23.91 -10.27
C ASN B 152 11.83 23.27 -10.21
N ASP B 153 12.01 22.26 -9.34
CA ASP B 153 13.30 21.59 -9.27
C ASP B 153 13.62 20.89 -10.59
N LEU B 154 12.64 20.19 -11.16
CA LEU B 154 12.88 19.48 -12.41
C LEU B 154 13.13 20.44 -13.55
N LEU B 155 12.39 21.55 -13.60
CA LEU B 155 12.64 22.58 -14.60
C LEU B 155 14.08 23.08 -14.53
N ASN B 156 14.55 23.41 -13.32
CA ASN B 156 15.93 23.84 -13.16
C ASN B 156 16.90 22.77 -13.65
N ILE B 157 16.69 21.51 -13.23
CA ILE B 157 17.58 20.42 -13.64
C ILE B 157 17.65 20.32 -15.15
N ILE B 158 16.50 20.42 -15.82
CA ILE B 158 16.50 20.37 -17.28
C ILE B 158 17.26 21.57 -17.85
N ARG B 159 16.95 22.77 -17.36
CA ARG B 159 17.60 23.97 -17.87
C ARG B 159 19.12 23.85 -17.77
N GLU B 160 19.62 23.39 -16.62
CA GLU B 160 21.06 23.23 -16.43
C GLU B 160 21.59 21.90 -16.91
N LYS B 161 20.75 21.05 -17.51
CA LYS B 161 21.13 19.70 -17.90
C LYS B 161 21.94 19.03 -16.80
N ASN B 162 21.43 19.14 -15.58
CA ASN B 162 22.21 18.84 -14.37
C ASN B 162 21.86 17.45 -13.83
N LEU B 163 22.37 16.42 -14.51
CA LEU B 163 22.15 15.05 -14.08
C LEU B 163 22.78 14.74 -12.74
N ALA B 164 23.67 15.60 -12.23
CA ALA B 164 24.28 15.36 -10.93
C ALA B 164 23.40 15.85 -9.79
N HIS B 165 22.25 16.44 -10.10
CA HIS B 165 21.38 16.95 -9.04
C HIS B 165 20.88 15.79 -8.18
N PRO B 166 20.78 15.96 -6.86
CA PRO B 166 20.35 14.85 -6.01
C PRO B 166 18.99 14.30 -6.39
N VAL B 167 18.11 15.11 -6.97
CA VAL B 167 16.81 14.60 -7.39
C VAL B 167 16.99 13.55 -8.49
N ILE B 168 17.99 13.71 -9.34
CA ILE B 168 18.31 12.70 -10.33
C ILE B 168 19.15 11.59 -9.71
N GLN B 169 20.16 11.97 -8.93
CA GLN B 169 21.11 11.01 -8.38
C GLN B 169 20.45 10.09 -7.36
N ASN B 170 19.54 10.61 -6.56
CA ASN B 170 18.92 9.84 -5.50
C ASN B 170 17.62 9.15 -5.93
N PHE B 171 17.21 9.27 -7.19
CA PHE B 171 15.98 8.61 -7.63
C PHE B 171 16.20 7.10 -7.75
N SER B 172 15.30 6.33 -7.15
CA SER B 172 15.36 4.88 -7.19
C SER B 172 14.16 4.34 -7.96
N TYR B 173 14.41 3.78 -9.15
CA TYR B 173 13.30 3.20 -9.90
C TYR B 173 12.68 2.03 -9.14
N GLU B 174 13.51 1.25 -8.43
CA GLU B 174 13.01 0.14 -7.65
C GLU B 174 11.98 0.61 -6.63
N THR B 175 12.35 1.62 -5.82
CA THR B 175 11.38 2.19 -4.88
C THR B 175 10.14 2.66 -5.61
N PHE B 176 10.32 3.37 -6.72
CA PHE B 176 9.19 3.83 -7.50
C PHE B 176 8.23 2.70 -7.83
N GLN B 177 8.73 1.64 -8.47
CA GLN B 177 7.80 0.64 -8.96
C GLN B 177 7.15 -0.12 -7.80
N GLN B 178 7.85 -0.32 -6.70
CA GLN B 178 7.23 -1.01 -5.57
C GLN B 178 6.11 -0.19 -4.95
N LYS B 179 6.29 1.14 -4.90
CA LYS B 179 5.22 2.01 -4.42
C LYS B 179 4.00 1.96 -5.33
N MET B 180 4.21 1.93 -6.65
CA MET B 180 3.09 1.82 -7.56
C MET B 180 2.36 0.49 -7.37
N LEU B 181 3.11 -0.58 -7.16
CA LEU B 181 2.47 -1.91 -6.95
C LEU B 181 1.61 -1.85 -5.69
N ARG B 182 2.10 -1.23 -4.62
CA ARG B 182 1.35 -1.14 -3.34
C ARG B 182 0.03 -0.40 -3.58
N PHE B 183 0.07 0.72 -4.31
CA PHE B 183 -1.17 1.47 -4.60
C PHE B 183 -2.13 0.63 -5.43
N LEU B 184 -1.66 -0.03 -6.48
CA LEU B 184 -2.55 -0.85 -7.33
C LEU B 184 -3.13 -2.03 -6.55
N GLU B 185 -2.35 -2.60 -5.62
CA GLU B 185 -2.75 -3.76 -4.76
C GLU B 185 -3.96 -3.41 -3.91
N SER B 186 -4.07 -2.17 -3.45
CA SER B 186 -5.20 -1.70 -2.63
C SER B 186 -6.55 -1.76 -3.36
N HIS B 187 -6.60 -1.79 -4.69
CA HIS B 187 -7.86 -1.84 -5.47
C HIS B 187 -8.20 -3.26 -5.89
N LEU B 188 -7.51 -4.26 -5.35
CA LEU B 188 -7.77 -5.64 -5.76
C LEU B 188 -8.27 -6.49 -4.61
N ASP B 189 -9.08 -7.48 -4.94
CA ASP B 189 -9.49 -8.47 -3.92
C ASP B 189 -8.29 -9.39 -3.76
N ASP B 190 -7.86 -9.61 -2.53
CA ASP B 190 -6.71 -10.45 -2.24
C ASP B 190 -7.10 -11.91 -2.01
N ALA B 191 -8.24 -12.35 -2.55
CA ALA B 191 -8.59 -13.76 -2.49
C ALA B 191 -7.58 -14.58 -3.28
N GLU B 192 -7.25 -15.75 -2.76
CA GLU B 192 -6.35 -16.65 -3.46
C GLU B 192 -6.96 -17.09 -4.79
N PRO B 193 -6.18 -17.12 -5.88
CA PRO B 193 -6.71 -17.69 -7.13
C PRO B 193 -7.03 -19.17 -6.97
N TYR B 194 -8.10 -19.61 -7.65
CA TYR B 194 -8.60 -20.95 -7.44
C TYR B 194 -7.56 -22.02 -7.77
N LEU B 195 -6.73 -21.76 -8.79
CA LEU B 195 -5.72 -22.76 -9.17
C LEU B 195 -4.67 -22.91 -8.08
N LEU B 196 -4.27 -21.81 -7.43
CA LEU B 196 -3.29 -21.91 -6.36
C LEU B 196 -3.84 -22.73 -5.20
N THR B 197 -5.09 -22.50 -4.84
CA THR B 197 -5.71 -23.28 -3.76
C THR B 197 -5.59 -24.76 -4.04
N MET B 198 -5.93 -25.18 -5.26
CA MET B 198 -5.82 -26.59 -5.62
C MET B 198 -4.37 -27.06 -5.60
N ALA B 199 -3.44 -26.19 -6.00
CA ALA B 199 -2.03 -26.58 -6.04
C ALA B 199 -1.55 -27.03 -4.68
N LYS B 200 -1.77 -26.19 -3.66
CA LYS B 200 -1.33 -26.53 -2.31
C LYS B 200 -1.91 -27.87 -1.87
N LYS B 201 -3.20 -28.10 -2.13
CA LYS B 201 -3.84 -29.36 -1.76
C LYS B 201 -3.17 -30.55 -2.45
N ALA B 202 -3.28 -30.61 -3.77
CA ALA B 202 -2.68 -31.70 -4.52
C ALA B 202 -1.16 -31.53 -4.63
N SER C 1 -1.31 20.65 28.23
CA SER C 1 -0.90 21.19 29.53
C SER C 1 0.46 20.61 29.93
N GLN C 2 0.42 19.48 30.65
CA GLN C 2 1.63 18.80 31.09
C GLN C 2 2.00 17.62 30.20
N GLU C 3 1.15 17.26 29.24
CA GLU C 3 1.46 16.17 28.32
C GLU C 3 2.80 16.40 27.65
N THR C 4 3.64 15.36 27.65
CA THR C 4 4.93 15.45 26.97
C THR C 4 4.81 14.93 25.54
N PHE C 5 5.79 15.30 24.71
CA PHE C 5 5.84 14.80 23.34
C PHE C 5 5.93 13.28 23.32
N GLU C 6 6.72 12.71 24.24
CA GLU C 6 6.83 11.26 24.33
C GLU C 6 5.51 10.62 24.73
N GLU C 7 4.74 11.28 25.60
CA GLU C 7 3.46 10.74 26.01
C GLU C 7 2.47 10.77 24.86
N LYS C 8 2.33 11.92 24.21
CA LYS C 8 1.35 12.07 23.15
C LYS C 8 1.56 11.03 22.05
N TYR C 9 2.82 10.80 21.70
CA TYR C 9 3.15 9.91 20.56
C TYR C 9 3.79 8.60 21.02
N ARG C 10 3.45 8.11 22.21
CA ARG C 10 4.08 6.89 22.78
C ARG C 10 3.93 5.73 21.78
N LEU C 11 5.05 5.07 21.50
CA LEU C 11 5.07 3.96 20.52
C LEU C 11 5.13 2.62 21.25
N SER C 12 5.99 2.52 22.27
CA SER C 12 6.13 1.28 23.05
C SER C 12 5.06 1.18 24.13
N PRO C 13 4.61 -0.04 24.48
CA PRO C 13 3.59 -0.23 25.49
C PRO C 13 4.06 0.16 26.89
N THR C 14 3.19 0.78 27.68
CA THR C 14 3.49 1.18 29.08
C THR C 14 3.66 -0.07 29.95
N LEU C 15 2.77 -1.04 29.79
CA LEU C 15 2.86 -2.33 30.52
C LEU C 15 2.99 -3.44 29.49
N SER C 16 3.99 -4.31 29.65
CA SER C 16 4.16 -5.42 28.67
C SER C 16 4.38 -6.74 29.39
N GLU D 3 -12.15 -1.11 -32.07
CA GLU D 3 -11.04 -1.37 -31.17
C GLU D 3 -11.18 -2.72 -30.47
N THR D 4 -10.32 -3.65 -30.84
CA THR D 4 -10.42 -5.02 -30.32
C THR D 4 -10.18 -5.06 -28.81
N PHE D 5 -10.73 -6.10 -28.19
CA PHE D 5 -10.53 -6.34 -26.77
C PHE D 5 -9.05 -6.42 -26.42
N GLU D 6 -8.28 -7.17 -27.20
CA GLU D 6 -6.88 -7.40 -26.87
C GLU D 6 -6.04 -6.15 -27.10
N GLU D 7 -6.50 -5.22 -27.93
CA GLU D 7 -5.81 -3.95 -28.04
C GLU D 7 -6.21 -3.01 -26.91
N LYS D 8 -7.49 -2.95 -26.58
CA LYS D 8 -7.93 -2.15 -25.44
C LYS D 8 -7.13 -2.50 -24.20
N TYR D 9 -6.93 -3.79 -23.94
CA TYR D 9 -6.28 -4.25 -22.72
C TYR D 9 -4.86 -4.75 -22.97
N ARG D 10 -4.25 -4.32 -24.08
CA ARG D 10 -2.93 -4.81 -24.44
C ARG D 10 -1.98 -4.74 -23.25
N LEU D 11 -1.33 -5.87 -22.95
CA LEU D 11 -0.38 -5.98 -21.85
C LEU D 11 1.07 -5.87 -22.30
N SER D 12 1.42 -6.53 -23.40
CA SER D 12 2.79 -6.55 -23.90
C SER D 12 3.03 -5.38 -24.83
N PRO D 13 4.26 -4.88 -24.89
CA PRO D 13 4.56 -3.79 -25.82
C PRO D 13 4.48 -4.27 -27.26
N THR D 14 4.18 -3.33 -28.15
CA THR D 14 4.13 -3.61 -29.59
C THR D 14 5.45 -4.16 -30.10
#